data_3MJ7
#
_entry.id   3MJ7
#
_cell.length_a   89.865
_cell.length_b   89.865
_cell.length_c   127.170
_cell.angle_alpha   90.00
_cell.angle_beta   90.00
_cell.angle_gamma   120.00
#
_symmetry.space_group_name_H-M   'P 31 1 2'
#
loop_
_entity.id
_entity.type
_entity.pdbx_description
1 polymer 'Junctional adhesion molecule-like'
2 polymer 'Coxsackievirus and adenovirus receptor homolog'
3 branched alpha-D-mannopyranose-(1-3)-beta-D-mannopyranose-(1-4)-2-acetamido-2-deoxy-beta-D-glucopyranose-(1-4)-[alpha-L-fucopyranose-(1-6)]2-acetamido-2-deoxy-beta-D-glucopyranose
4 branched 2-acetamido-2-deoxy-beta-D-glucopyranose-(1-4)-2-acetamido-2-deoxy-beta-D-glucopyranose
5 non-polymer 2-acetamido-2-deoxy-beta-D-glucopyranose
#
loop_
_entity_poly.entity_id
_entity_poly.type
_entity_poly.pdbx_seq_one_letter_code
_entity_poly.pdbx_strand_id
1 'polypeptide(L)'
;RSQGLPGLTVSSPQLRVHVGESVLMGCVVQRTEEKHVDRVDWLFSKDKDDASEYVLFYYSNLSVPTGRFQNRSHLVGDTF
HNDGSLLLQDVQKADEGIYTCEIRLKNESMVMKKPVELWVLPEEPRDLRVRVGDTTQMRCSIQSTEEKRVTKVNWMFSSG
SHTEEETVLSYDSNMRSGKFQSLGRFRNRVDLTGDISRNDGSIKLQTVKESDQGIYTCSIYVGKLESRKTIVLHVVQDEF
QRTISPTPPTDKGQQGILNGNQHHHHHH
;
A
2 'polypeptide(L)'
;SGLSITTPEQRIEKAKGETAYLPCKFTLSPEDQGPLDIEWLISPSDNQIVDQVIILYSGDKIYDNYYPDLKGRVHFTSND
VKSGDASINVTNLQLSDIGTYQCKVKKAPGVANKKFLLTVLVKPSGTRCFVDGSEEIGNDFKLKCEPKEGSLPLQFEWQK
LSDSQTMPTPWLAEMTSPVISVKNASSEYSGTYSCTVQNRVGSDQCMLRLDVVPPSNRAHHHHHH
;
B
#
loop_
_chem_comp.id
_chem_comp.type
_chem_comp.name
_chem_comp.formula
BMA D-saccharide, beta linking beta-D-mannopyranose 'C6 H12 O6'
FUC L-saccharide, alpha linking alpha-L-fucopyranose 'C6 H12 O5'
MAN D-saccharide, alpha linking alpha-D-mannopyranose 'C6 H12 O6'
NAG D-saccharide, beta linking 2-acetamido-2-deoxy-beta-D-glucopyranose 'C8 H15 N O6'
#
# COMPACT_ATOMS: atom_id res chain seq x y z
N PRO A 13 -8.00 3.75 7.90
CA PRO A 13 -9.32 3.42 7.35
C PRO A 13 -9.72 1.97 7.61
N GLN A 14 -10.89 1.83 8.21
CA GLN A 14 -11.42 0.52 8.59
C GLN A 14 -12.62 0.15 7.74
N LEU A 15 -12.78 -1.15 7.54
CA LEU A 15 -14.01 -1.69 6.96
C LEU A 15 -14.34 -3.01 7.63
N ARG A 16 -15.63 -3.23 7.79
CA ARG A 16 -16.18 -4.44 8.38
C ARG A 16 -17.08 -5.09 7.36
N VAL A 17 -16.79 -6.35 7.05
CA VAL A 17 -17.67 -7.10 6.16
C VAL A 17 -17.96 -8.46 6.73
N HIS A 18 -19.13 -8.97 6.36
CA HIS A 18 -19.53 -10.30 6.77
C HIS A 18 -19.01 -11.29 5.76
N VAL A 19 -18.67 -12.47 6.24
CA VAL A 19 -18.19 -13.50 5.33
C VAL A 19 -19.21 -13.72 4.24
N GLY A 20 -18.69 -13.77 3.01
CA GLY A 20 -19.49 -14.05 1.82
C GLY A 20 -19.70 -12.80 1.00
N GLU A 21 -19.73 -11.66 1.66
CA GLU A 21 -20.06 -10.42 0.98
C GLU A 21 -18.86 -9.79 0.30
N SER A 22 -19.08 -8.60 -0.23
CA SER A 22 -18.09 -7.88 -1.03
C SER A 22 -17.67 -6.56 -0.42
N VAL A 23 -16.52 -6.09 -0.86
CA VAL A 23 -15.97 -4.85 -0.33
C VAL A 23 -15.15 -4.12 -1.37
N LEU A 24 -15.31 -2.80 -1.40
CA LEU A 24 -14.63 -1.97 -2.38
C LEU A 24 -13.64 -1.06 -1.67
N MET A 25 -12.36 -1.41 -1.82
CA MET A 25 -11.28 -0.65 -1.21
C MET A 25 -10.79 0.44 -2.15
N GLY A 26 -11.19 1.66 -1.84
CA GLY A 26 -10.86 2.82 -2.65
C GLY A 26 -9.38 3.08 -2.75
N CYS A 27 -9.00 3.66 -3.89
CA CYS A 27 -7.62 4.13 -4.11
C CYS A 27 -7.61 5.24 -5.14
N VAL A 28 -7.85 6.45 -4.67
CA VAL A 28 -8.00 7.61 -5.55
C VAL A 28 -7.01 8.72 -5.26
N VAL A 29 -5.99 8.79 -6.12
CA VAL A 29 -4.96 9.81 -6.01
C VAL A 29 -5.54 11.13 -6.48
N GLN A 30 -5.90 11.97 -5.51
CA GLN A 30 -6.63 13.20 -5.83
C GLN A 30 -5.69 14.35 -6.19
N ARG A 31 -5.53 14.55 -7.49
CA ARG A 31 -4.80 15.71 -8.00
C ARG A 31 -5.83 16.73 -8.43
N THR A 32 -5.39 17.70 -9.23
CA THR A 32 -6.29 18.76 -9.71
C THR A 32 -6.63 18.52 -11.16
N GLU A 33 -6.60 17.26 -11.58
CA GLU A 33 -6.89 16.90 -12.98
C GLU A 33 -7.03 15.41 -13.27
N GLU A 34 -7.54 15.15 -14.46
CA GLU A 34 -7.65 13.80 -15.01
C GLU A 34 -6.28 13.25 -15.36
N LYS A 35 -5.93 12.13 -14.75
CA LYS A 35 -4.65 11.48 -15.01
C LYS A 35 -4.80 9.98 -15.12
N HIS A 36 -4.22 9.42 -16.17
CA HIS A 36 -4.32 8.00 -16.43
C HIS A 36 -3.39 7.26 -15.49
N VAL A 37 -3.96 6.29 -14.79
CA VAL A 37 -3.19 5.44 -13.90
C VAL A 37 -2.23 4.60 -14.71
N ASP A 38 -0.97 4.63 -14.31
CA ASP A 38 0.07 3.86 -14.98
C ASP A 38 0.23 2.49 -14.31
N ARG A 39 -0.08 2.43 -13.02
CA ARG A 39 0.17 1.22 -12.23
C ARG A 39 -0.56 1.15 -10.92
N VAL A 40 -0.95 -0.05 -10.51
CA VAL A 40 -1.35 -0.31 -9.13
C VAL A 40 -0.91 -1.69 -8.64
N ASP A 41 -0.33 -1.72 -7.45
CA ASP A 41 -0.11 -2.97 -6.74
C ASP A 41 -1.00 -3.01 -5.50
N TRP A 42 -1.77 -4.06 -5.38
CA TRP A 42 -2.49 -4.30 -4.15
C TRP A 42 -1.85 -5.46 -3.40
N LEU A 43 -1.25 -5.15 -2.26
CA LEU A 43 -0.65 -6.19 -1.40
C LEU A 43 -1.49 -6.42 -0.18
N PHE A 44 -1.39 -7.63 0.36
CA PHE A 44 -2.14 -8.01 1.55
C PHE A 44 -1.20 -8.51 2.63
N SER A 45 -1.42 -7.99 3.83
CA SER A 45 -0.62 -8.42 4.97
C SER A 45 -1.45 -8.51 6.23
N LYS A 46 -1.26 -9.64 6.89
CA LYS A 46 -1.88 -9.91 8.18
C LYS A 46 -1.25 -9.01 9.21
N ASP A 47 -2.08 -8.53 10.11
CA ASP A 47 -1.67 -7.65 11.17
C ASP A 47 -0.42 -8.20 11.88
N LYS A 48 0.57 -7.32 11.99
CA LYS A 48 1.77 -7.55 12.79
C LYS A 48 2.67 -8.63 12.18
N ASP A 49 2.43 -8.93 10.92
CA ASP A 49 3.18 -9.95 10.19
C ASP A 49 3.76 -9.31 8.93
N ASP A 50 5.07 -9.48 8.75
CA ASP A 50 5.81 -8.83 7.66
C ASP A 50 5.67 -9.57 6.35
N ALA A 51 5.32 -10.85 6.44
CA ALA A 51 4.91 -11.59 5.25
C ALA A 51 3.81 -10.80 4.57
N SER A 52 3.72 -10.96 3.26
CA SER A 52 2.69 -10.30 2.47
C SER A 52 2.53 -10.92 1.08
N GLU A 53 1.33 -10.81 0.53
CA GLU A 53 1.04 -11.42 -0.76
C GLU A 53 0.28 -10.50 -1.72
N TYR A 54 0.66 -10.56 -2.99
CA TYR A 54 -0.05 -9.83 -4.06
C TYR A 54 -1.48 -10.31 -4.23
N VAL A 55 -2.37 -9.33 -4.29
CA VAL A 55 -3.79 -9.55 -4.48
C VAL A 55 -4.17 -9.32 -5.93
N LEU A 56 -3.79 -8.15 -6.41
CA LEU A 56 -4.01 -7.78 -7.80
C LEU A 56 -2.98 -6.74 -8.23
N PHE A 57 -2.44 -6.90 -9.42
CA PHE A 57 -1.56 -5.87 -9.94
C PHE A 57 -1.83 -5.57 -11.38
N TYR A 58 -1.68 -4.30 -11.70
CA TYR A 58 -2.07 -3.75 -12.98
C TYR A 58 -0.96 -2.88 -13.55
N TYR A 59 -0.62 -3.12 -14.81
CA TYR A 59 0.43 -2.36 -15.49
C TYR A 59 0.34 -2.43 -17.00
N SER A 60 0.54 -1.29 -17.64
CA SER A 60 0.42 -1.20 -19.07
C SER A 60 -0.80 -1.98 -19.53
N ASN A 61 -1.96 -1.52 -19.07
CA ASN A 61 -3.25 -2.02 -19.56
C ASN A 61 -3.44 -3.52 -19.33
N LEU A 62 -2.71 -4.06 -18.36
CA LEU A 62 -2.79 -5.48 -18.04
C LEU A 62 -3.13 -5.74 -16.59
N SER A 63 -4.28 -6.36 -16.36
CA SER A 63 -4.75 -6.66 -15.01
C SER A 63 -4.54 -8.11 -14.63
N VAL A 64 -3.80 -8.31 -13.56
CA VAL A 64 -3.39 -9.63 -13.13
C VAL A 64 -3.82 -9.90 -11.69
N PRO A 65 -5.07 -10.33 -11.49
CA PRO A 65 -5.42 -10.77 -10.14
C PRO A 65 -4.66 -12.03 -9.85
N THR A 66 -4.10 -12.11 -8.66
CA THR A 66 -3.19 -13.22 -8.35
C THR A 66 -3.53 -13.98 -7.08
N GLY A 67 -2.82 -15.09 -6.95
CA GLY A 67 -2.81 -15.90 -5.75
C GLY A 67 -4.15 -16.49 -5.43
N ARG A 68 -4.47 -16.43 -4.15
CA ARG A 68 -5.73 -16.97 -3.66
C ARG A 68 -6.84 -15.94 -3.86
N PHE A 69 -6.49 -14.78 -4.41
CA PHE A 69 -7.49 -13.74 -4.74
C PHE A 69 -7.77 -13.77 -6.22
N GLN A 70 -7.11 -14.69 -6.87
CA GLN A 70 -7.19 -14.85 -8.32
C GLN A 70 -8.59 -14.79 -8.90
N ASN A 71 -9.57 -15.31 -8.17
CA ASN A 71 -10.92 -15.41 -8.69
C ASN A 71 -11.85 -14.37 -8.10
N ARG A 72 -11.32 -13.57 -7.19
CA ARG A 72 -12.16 -12.75 -6.32
C ARG A 72 -11.95 -11.24 -6.44
N SER A 73 -10.80 -10.86 -6.99
CA SER A 73 -10.35 -9.45 -7.02
C SER A 73 -10.43 -8.82 -8.39
N HIS A 74 -11.04 -7.66 -8.43
CA HIS A 74 -11.20 -6.92 -9.67
C HIS A 74 -10.77 -5.48 -9.51
N LEU A 75 -10.39 -4.87 -10.63
CA LEU A 75 -9.93 -3.49 -10.62
C LEU A 75 -11.05 -2.63 -11.17
N VAL A 76 -11.81 -2.06 -10.26
CA VAL A 76 -13.05 -1.38 -10.58
C VAL A 76 -12.85 0.11 -10.63
N GLY A 77 -11.62 0.52 -10.34
CA GLY A 77 -11.26 1.93 -10.42
C GLY A 77 -11.20 2.41 -11.85
N ASP A 78 -11.65 3.64 -12.07
CA ASP A 78 -11.51 4.27 -13.40
C ASP A 78 -10.08 4.71 -13.69
N THR A 79 -9.46 4.01 -14.62
CA THR A 79 -8.03 4.18 -14.90
C THR A 79 -7.70 5.54 -15.52
N PHE A 80 -8.72 6.34 -15.79
CA PHE A 80 -8.53 7.67 -16.37
C PHE A 80 -8.67 8.80 -15.35
N HIS A 81 -9.49 8.57 -14.33
CA HIS A 81 -9.71 9.58 -13.30
C HIS A 81 -9.01 9.15 -12.01
N ASN A 82 -7.71 8.87 -12.16
CA ASN A 82 -6.81 8.73 -11.02
C ASN A 82 -7.17 7.60 -10.06
N ASP A 83 -7.89 6.60 -10.55
CA ASP A 83 -8.54 5.63 -9.66
C ASP A 83 -8.16 4.17 -9.85
N GLY A 84 -7.55 3.59 -8.83
CA GLY A 84 -7.13 2.19 -8.86
C GLY A 84 -7.85 1.33 -7.83
N SER A 85 -9.03 1.81 -7.43
CA SER A 85 -9.81 1.13 -6.41
C SER A 85 -10.00 -0.34 -6.74
N LEU A 86 -10.02 -1.13 -5.67
CA LEU A 86 -10.19 -2.57 -5.76
C LEU A 86 -11.55 -3.06 -5.28
N LEU A 87 -12.06 -4.08 -5.94
CA LEU A 87 -13.26 -4.77 -5.46
C LEU A 87 -12.90 -6.19 -5.13
N LEU A 88 -13.13 -6.56 -3.87
CA LEU A 88 -12.90 -7.92 -3.41
C LEU A 88 -14.24 -8.60 -3.15
N GLN A 89 -14.40 -9.79 -3.71
CA GLN A 89 -15.66 -10.51 -3.62
C GLN A 89 -15.56 -11.81 -2.85
N ASP A 90 -16.68 -12.23 -2.31
CA ASP A 90 -16.78 -13.47 -1.55
C ASP A 90 -15.69 -13.47 -0.46
N VAL A 91 -15.75 -12.47 0.39
CA VAL A 91 -14.77 -12.32 1.49
C VAL A 91 -14.82 -13.43 2.53
N GLN A 92 -13.63 -13.87 2.91
CA GLN A 92 -13.45 -14.94 3.91
C GLN A 92 -12.70 -14.46 5.14
N LYS A 93 -12.65 -15.30 6.16
CA LYS A 93 -12.03 -14.88 7.43
C LYS A 93 -10.54 -14.72 7.25
N ALA A 94 -10.01 -15.50 6.31
CA ALA A 94 -8.59 -15.50 5.97
C ALA A 94 -8.21 -14.24 5.20
N ASP A 95 -9.20 -13.39 4.93
CA ASP A 95 -8.95 -12.10 4.26
C ASP A 95 -8.75 -10.98 5.25
N GLU A 96 -8.82 -11.33 6.53
CA GLU A 96 -8.63 -10.35 7.59
C GLU A 96 -7.19 -9.84 7.69
N GLY A 97 -7.04 -8.56 7.39
CA GLY A 97 -5.76 -7.88 7.58
C GLY A 97 -5.71 -6.52 6.95
N ILE A 98 -4.48 -6.05 6.71
CA ILE A 98 -4.26 -4.77 6.05
C ILE A 98 -4.02 -5.00 4.58
N TYR A 99 -4.63 -4.13 3.78
CA TYR A 99 -4.49 -4.11 2.34
C TYR A 99 -3.84 -2.79 1.97
N THR A 100 -2.81 -2.85 1.14
CA THR A 100 -2.10 -1.64 0.76
C THR A 100 -2.03 -1.43 -0.73
N CYS A 101 -2.64 -0.33 -1.14
CA CYS A 101 -2.60 0.13 -2.53
C CYS A 101 -1.31 0.89 -2.76
N GLU A 102 -0.53 0.46 -3.74
CA GLU A 102 0.62 1.22 -4.20
C GLU A 102 0.38 1.65 -5.64
N ILE A 103 0.27 2.95 -5.86
CA ILE A 103 -0.22 3.46 -7.14
C ILE A 103 0.63 4.58 -7.70
N ARG A 104 0.80 4.55 -9.02
CA ARG A 104 1.55 5.60 -9.73
C ARG A 104 0.82 6.05 -10.98
N LEU A 105 0.83 7.36 -11.19
CA LEU A 105 0.16 7.97 -12.33
C LEU A 105 1.14 8.19 -13.47
N LYS A 106 0.61 8.23 -14.68
CA LYS A 106 1.44 8.38 -15.89
C LYS A 106 2.12 9.74 -15.93
N ASN A 107 3.24 9.80 -16.64
CA ASN A 107 3.99 11.04 -16.78
C ASN A 107 4.29 11.59 -15.38
N GLU A 108 4.51 10.68 -14.43
CA GLU A 108 4.71 11.03 -13.02
C GLU A 108 5.47 9.94 -12.27
N SER A 109 6.51 10.34 -11.54
CA SER A 109 7.46 9.38 -10.95
C SER A 109 7.22 9.13 -9.48
N MET A 110 6.07 9.60 -9.00
CA MET A 110 5.69 9.48 -7.58
C MET A 110 4.73 8.31 -7.41
N VAL A 111 5.06 7.45 -6.46
CA VAL A 111 4.22 6.29 -6.12
C VAL A 111 3.56 6.47 -4.77
N MET A 112 2.25 6.26 -4.71
CA MET A 112 1.45 6.54 -3.52
C MET A 112 1.06 5.30 -2.73
N LYS A 113 1.22 5.39 -1.42
CA LYS A 113 1.01 4.26 -0.50
C LYS A 113 -0.17 4.49 0.45
N LYS A 114 -1.29 3.88 0.12
CA LYS A 114 -2.53 4.03 0.88
C LYS A 114 -2.99 2.69 1.45
N PRO A 115 -3.04 2.59 2.79
CA PRO A 115 -3.48 1.35 3.41
C PRO A 115 -4.93 1.39 3.85
N VAL A 116 -5.52 0.21 3.92
CA VAL A 116 -6.89 0.03 4.41
C VAL A 116 -7.02 -1.25 5.22
N GLU A 117 -7.62 -1.15 6.40
CA GLU A 117 -7.74 -2.31 7.28
C GLU A 117 -9.08 -2.99 7.10
N LEU A 118 -9.06 -4.30 7.02
CA LEU A 118 -10.27 -5.08 6.78
C LEU A 118 -10.52 -6.07 7.89
N TRP A 119 -11.67 -5.89 8.52
CA TRP A 119 -12.17 -6.80 9.55
C TRP A 119 -13.29 -7.66 9.01
N VAL A 120 -13.26 -8.93 9.35
CA VAL A 120 -14.24 -9.84 8.83
C VAL A 120 -15.09 -10.40 9.95
N LEU A 121 -16.39 -10.15 9.82
CA LEU A 121 -17.38 -10.59 10.80
C LEU A 121 -17.98 -11.92 10.38
N PRO A 122 -18.52 -12.69 11.33
CA PRO A 122 -19.14 -13.96 10.97
C PRO A 122 -20.29 -13.78 10.01
N GLU A 123 -20.57 -14.85 9.26
CA GLU A 123 -21.64 -14.85 8.25
C GLU A 123 -22.97 -14.48 8.84
N GLU A 124 -23.76 -13.73 8.08
CA GLU A 124 -25.17 -13.48 8.42
C GLU A 124 -26.01 -14.75 8.20
N PRO A 125 -26.95 -15.04 9.11
CA PRO A 125 -27.75 -16.25 8.94
C PRO A 125 -28.66 -16.14 7.73
N ARG A 126 -28.94 -17.27 7.10
CA ARG A 126 -29.72 -17.26 5.86
C ARG A 126 -31.18 -17.25 6.21
N ASP A 127 -31.48 -17.80 7.38
CA ASP A 127 -32.86 -17.90 7.87
C ASP A 127 -33.22 -16.67 8.67
N LEU A 128 -34.42 -16.20 8.42
CA LEU A 128 -34.96 -15.03 9.10
C LEU A 128 -36.39 -15.36 9.53
N ARG A 129 -36.71 -15.11 10.80
CA ARG A 129 -38.02 -15.46 11.33
C ARG A 129 -38.76 -14.22 11.78
N VAL A 130 -39.91 -13.98 11.19
CA VAL A 130 -40.72 -12.83 11.55
C VAL A 130 -42.18 -13.21 11.72
N ARG A 131 -42.87 -12.38 12.49
CA ARG A 131 -44.28 -12.58 12.79
C ARG A 131 -45.14 -11.76 11.86
N VAL A 132 -46.25 -12.33 11.42
CA VAL A 132 -47.21 -11.58 10.59
C VAL A 132 -47.44 -10.21 11.19
N GLY A 133 -47.43 -9.20 10.32
CA GLY A 133 -47.68 -7.83 10.72
C GLY A 133 -46.39 -7.06 10.92
N ASP A 134 -45.29 -7.79 11.06
CA ASP A 134 -43.98 -7.17 11.27
C ASP A 134 -43.44 -6.41 10.08
N THR A 135 -42.63 -5.42 10.40
CA THR A 135 -41.73 -4.82 9.44
C THR A 135 -40.34 -5.40 9.67
N THR A 136 -39.73 -5.84 8.58
CA THR A 136 -38.44 -6.51 8.66
C THR A 136 -37.45 -5.98 7.64
N GLN A 137 -36.31 -5.55 8.15
CA GLN A 137 -35.21 -5.09 7.32
C GLN A 137 -34.48 -6.28 6.73
N MET A 138 -34.06 -6.11 5.49
CA MET A 138 -33.25 -7.09 4.80
C MET A 138 -31.97 -6.46 4.27
N ARG A 139 -30.86 -6.91 4.86
CA ARG A 139 -29.59 -6.22 4.67
C ARG A 139 -28.97 -6.61 3.35
N CYS A 140 -28.40 -5.61 2.70
CA CYS A 140 -27.62 -5.80 1.49
C CYS A 140 -26.82 -4.55 1.14
N SER A 141 -25.50 -4.71 1.09
CA SER A 141 -24.59 -3.60 0.80
C SER A 141 -23.24 -4.05 0.29
N ILE A 142 -22.51 -3.08 -0.24
CA ILE A 142 -21.09 -3.22 -0.48
C ILE A 142 -20.41 -2.18 0.37
N GLN A 143 -19.61 -2.64 1.31
CA GLN A 143 -18.85 -1.74 2.16
C GLN A 143 -17.75 -1.12 1.31
N SER A 144 -17.57 0.18 1.50
CA SER A 144 -16.70 0.96 0.64
C SER A 144 -16.16 2.20 1.30
N THR A 145 -15.04 2.68 0.79
CA THR A 145 -14.43 3.91 1.28
C THR A 145 -14.72 5.03 0.32
N GLU A 146 -15.47 4.70 -0.73
CA GLU A 146 -15.82 5.64 -1.78
C GLU A 146 -17.32 5.64 -2.08
N GLU A 147 -17.90 6.83 -2.20
CA GLU A 147 -19.34 6.99 -2.43
C GLU A 147 -19.74 6.70 -3.86
N LYS A 148 -21.04 6.57 -4.02
CA LYS A 148 -21.69 6.48 -5.33
C LYS A 148 -21.09 5.42 -6.24
N ARG A 149 -20.69 4.28 -5.68
CA ARG A 149 -20.00 3.24 -6.46
C ARG A 149 -20.92 2.15 -6.99
N VAL A 150 -22.01 1.92 -6.27
CA VAL A 150 -23.03 0.97 -6.71
C VAL A 150 -23.77 1.51 -7.91
N THR A 151 -23.96 0.64 -8.89
CA THR A 151 -24.58 1.01 -10.15
C THR A 151 -26.01 0.53 -10.18
N LYS A 152 -26.23 -0.64 -9.61
CA LYS A 152 -27.50 -1.32 -9.73
C LYS A 152 -27.76 -2.26 -8.55
N VAL A 153 -29.01 -2.22 -8.07
CA VAL A 153 -29.46 -3.14 -7.04
C VAL A 153 -30.77 -3.78 -7.47
N ASN A 154 -30.83 -5.10 -7.35
CA ASN A 154 -32.02 -5.85 -7.77
C ASN A 154 -32.45 -6.90 -6.76
N TRP A 155 -33.64 -6.69 -6.20
CA TRP A 155 -34.24 -7.64 -5.27
C TRP A 155 -35.25 -8.45 -6.03
N MET A 156 -35.11 -9.77 -5.95
CA MET A 156 -36.10 -10.70 -6.50
C MET A 156 -36.71 -11.52 -5.38
N PHE A 157 -37.92 -11.99 -5.62
CA PHE A 157 -38.60 -12.87 -4.67
C PHE A 157 -39.08 -14.14 -5.32
N SER A 158 -39.15 -15.19 -4.52
CA SER A 158 -39.84 -16.43 -4.87
C SER A 158 -39.73 -17.51 -3.81
N SER A 159 -40.84 -18.20 -3.57
CA SER A 159 -40.73 -19.51 -2.95
C SER A 159 -40.19 -20.40 -4.06
N GLY A 160 -38.87 -20.29 -4.24
CA GLY A 160 -38.20 -20.63 -5.52
C GLY A 160 -37.53 -21.97 -5.74
N SER A 161 -38.33 -23.02 -5.85
CA SER A 161 -37.88 -24.31 -6.38
C SER A 161 -38.91 -24.75 -7.40
N HIS A 162 -38.47 -24.83 -8.66
CA HIS A 162 -39.37 -25.12 -9.79
C HIS A 162 -40.52 -24.12 -9.85
N THR A 163 -40.20 -22.87 -9.50
CA THR A 163 -41.17 -21.78 -9.49
C THR A 163 -40.57 -20.44 -9.91
N GLU A 164 -41.37 -19.68 -10.63
CA GLU A 164 -40.96 -18.39 -11.21
C GLU A 164 -40.68 -17.36 -10.13
N GLU A 165 -40.31 -16.16 -10.58
CA GLU A 165 -39.88 -15.09 -9.70
C GLU A 165 -40.61 -13.78 -9.94
N GLU A 166 -40.52 -12.93 -8.93
CA GLU A 166 -41.04 -11.57 -8.99
C GLU A 166 -39.98 -10.57 -8.57
N THR A 167 -40.12 -9.37 -9.07
CA THR A 167 -39.28 -8.23 -8.67
C THR A 167 -39.84 -7.55 -7.44
N VAL A 168 -39.07 -7.62 -6.36
CA VAL A 168 -39.45 -6.92 -5.14
C VAL A 168 -39.18 -5.44 -5.36
N LEU A 169 -37.91 -5.14 -5.51
CA LEU A 169 -37.47 -3.77 -5.71
C LEU A 169 -36.24 -3.73 -6.60
N SER A 170 -36.11 -2.63 -7.32
CA SER A 170 -34.96 -2.43 -8.18
C SER A 170 -34.60 -0.97 -8.36
N TYR A 171 -33.29 -0.73 -8.43
CA TYR A 171 -32.74 0.61 -8.64
C TYR A 171 -31.57 0.54 -9.60
N ASP A 172 -31.41 1.62 -10.37
CA ASP A 172 -30.39 1.68 -11.42
C ASP A 172 -29.95 3.11 -11.76
N SER A 173 -28.87 3.53 -11.12
CA SER A 173 -28.30 4.88 -11.27
C SER A 173 -28.20 5.27 -12.73
N ASN A 174 -27.67 4.33 -13.50
CA ASN A 174 -27.59 4.45 -14.95
C ASN A 174 -28.84 5.12 -15.52
N MET A 175 -30.00 4.74 -14.97
CA MET A 175 -31.31 5.27 -15.43
C MET A 175 -31.84 6.43 -14.59
N ARG A 176 -32.87 7.06 -15.13
CA ARG A 176 -33.47 8.26 -14.55
C ARG A 176 -34.20 7.96 -13.24
N SER A 177 -35.50 7.70 -13.36
CA SER A 177 -36.34 7.37 -12.20
C SER A 177 -36.14 5.91 -11.79
N GLY A 178 -34.91 5.61 -11.37
CA GLY A 178 -34.42 4.24 -11.17
C GLY A 178 -35.16 3.39 -10.17
N LYS A 179 -35.88 4.03 -9.25
CA LYS A 179 -36.56 3.31 -8.17
C LYS A 179 -37.77 2.54 -8.70
N PHE A 180 -37.84 1.26 -8.36
CA PHE A 180 -38.99 0.44 -8.75
C PHE A 180 -39.49 -0.49 -7.67
N GLN A 181 -40.70 -0.21 -7.21
CA GLN A 181 -41.34 -1.00 -6.18
C GLN A 181 -42.37 -1.93 -6.78
N SER A 182 -42.25 -3.19 -6.38
CA SER A 182 -42.94 -4.31 -7.01
C SER A 182 -44.25 -3.94 -7.65
N LEU A 183 -45.16 -3.43 -6.82
CA LEU A 183 -46.54 -3.14 -7.23
C LEU A 183 -47.31 -4.43 -7.44
N GLY A 184 -46.62 -5.54 -7.18
CA GLY A 184 -47.25 -6.85 -7.22
C GLY A 184 -47.69 -7.26 -5.83
N ARG A 185 -46.95 -8.19 -5.24
CA ARG A 185 -47.27 -8.67 -3.90
C ARG A 185 -46.63 -7.72 -2.91
N PHE A 186 -45.88 -6.77 -3.44
CA PHE A 186 -45.21 -5.79 -2.60
C PHE A 186 -45.63 -4.40 -3.04
N ARG A 187 -46.95 -4.26 -3.06
CA ARG A 187 -47.63 -2.97 -3.30
C ARG A 187 -47.35 -2.00 -2.18
N ASN A 188 -46.53 -0.99 -2.48
CA ASN A 188 -46.31 0.13 -1.56
C ASN A 188 -45.95 -0.29 -0.14
N ARG A 189 -45.29 -1.45 -0.01
CA ARG A 189 -44.85 -1.90 1.31
C ARG A 189 -43.45 -2.48 1.26
N VAL A 190 -42.61 -1.76 0.54
CA VAL A 190 -41.21 -2.12 0.39
C VAL A 190 -40.41 -0.93 -0.10
N ASP A 191 -39.35 -0.60 0.64
CA ASP A 191 -38.53 0.56 0.31
C ASP A 191 -37.14 0.55 0.96
N LEU A 192 -36.23 1.30 0.36
CA LEU A 192 -34.84 1.39 0.81
C LEU A 192 -34.73 2.15 2.13
N THR A 193 -34.15 1.46 3.11
CA THR A 193 -33.99 1.99 4.45
C THR A 193 -32.80 2.93 4.47
N GLY A 194 -31.91 2.74 3.52
CA GLY A 194 -30.71 3.54 3.42
C GLY A 194 -30.63 4.23 2.08
N ASP A 195 -29.44 4.67 1.73
CA ASP A 195 -29.23 5.31 0.44
C ASP A 195 -28.09 4.66 -0.31
N ILE A 196 -28.24 4.65 -1.63
CA ILE A 196 -27.29 3.97 -2.50
C ILE A 196 -26.05 4.80 -2.63
N SER A 197 -26.19 6.09 -2.36
CA SER A 197 -25.06 7.01 -2.45
C SER A 197 -24.00 6.56 -1.43
N ARG A 198 -24.45 5.79 -0.44
CA ARG A 198 -23.55 5.20 0.56
C ARG A 198 -23.44 3.71 0.30
N ASN A 199 -23.69 3.36 -0.95
CA ASN A 199 -23.48 2.01 -1.47
C ASN A 199 -24.23 0.95 -0.68
N ASP A 200 -25.40 1.34 -0.18
CA ASP A 200 -26.26 0.42 0.56
C ASP A 200 -27.58 0.20 -0.15
N GLY A 201 -27.94 -1.07 -0.27
CA GLY A 201 -29.15 -1.48 -0.97
C GLY A 201 -30.12 -2.25 -0.09
N SER A 202 -30.05 -1.99 1.21
CA SER A 202 -30.97 -2.65 2.14
C SER A 202 -32.39 -2.14 1.94
N ILE A 203 -33.34 -3.06 2.06
CA ILE A 203 -34.77 -2.70 2.01
C ILE A 203 -35.52 -3.25 3.21
N LYS A 204 -36.67 -2.66 3.48
CA LYS A 204 -37.59 -3.19 4.48
C LYS A 204 -38.90 -3.58 3.83
N LEU A 205 -39.48 -4.64 4.36
CA LEU A 205 -40.80 -5.12 3.96
C LEU A 205 -41.75 -4.87 5.11
N GLN A 206 -42.81 -4.09 4.83
CA GLN A 206 -43.55 -3.42 5.90
C GLN A 206 -44.52 -4.30 6.62
N THR A 207 -45.38 -4.97 5.89
CA THR A 207 -46.38 -5.77 6.57
C THR A 207 -46.25 -7.18 6.12
N VAL A 208 -45.49 -7.92 6.90
CA VAL A 208 -45.20 -9.29 6.54
C VAL A 208 -46.48 -10.11 6.62
N LYS A 209 -46.78 -10.77 5.51
CA LYS A 209 -47.91 -11.68 5.37
C LYS A 209 -47.34 -13.07 5.19
N GLU A 210 -48.17 -14.09 5.37
CA GLU A 210 -47.76 -15.46 5.07
C GLU A 210 -47.35 -15.59 3.61
N SER A 211 -48.05 -14.86 2.75
CA SER A 211 -47.82 -14.93 1.31
C SER A 211 -46.42 -14.49 0.93
N ASP A 212 -45.70 -13.89 1.88
CA ASP A 212 -44.37 -13.32 1.61
C ASP A 212 -43.25 -14.31 1.91
N GLN A 213 -43.64 -15.50 2.34
CA GLN A 213 -42.70 -16.52 2.75
C GLN A 213 -41.97 -17.14 1.57
N GLY A 214 -40.70 -16.84 1.44
CA GLY A 214 -39.91 -17.40 0.35
C GLY A 214 -38.44 -17.05 0.37
N ILE A 215 -37.88 -16.87 -0.83
CA ILE A 215 -36.49 -16.52 -0.96
C ILE A 215 -36.34 -15.16 -1.57
N TYR A 216 -35.73 -14.27 -0.81
CA TYR A 216 -35.40 -12.98 -1.33
C TYR A 216 -33.93 -13.03 -1.69
N THR A 217 -33.60 -12.41 -2.80
CA THR A 217 -32.29 -12.52 -3.40
C THR A 217 -31.84 -11.18 -3.90
N CYS A 218 -30.88 -10.62 -3.18
CA CYS A 218 -30.30 -9.34 -3.51
C CYS A 218 -29.16 -9.51 -4.48
N SER A 219 -28.97 -8.48 -5.28
CA SER A 219 -28.03 -8.51 -6.36
C SER A 219 -27.57 -7.11 -6.54
N ILE A 220 -26.36 -6.90 -6.09
CA ILE A 220 -25.81 -5.58 -6.03
C ILE A 220 -24.64 -5.54 -7.01
N TYR A 221 -24.54 -4.44 -7.75
CA TYR A 221 -23.55 -4.36 -8.81
C TYR A 221 -22.74 -3.11 -8.71
N VAL A 222 -21.48 -3.29 -9.10
CA VAL A 222 -20.63 -2.19 -9.50
C VAL A 222 -20.26 -2.55 -10.93
N GLY A 223 -20.93 -1.89 -11.87
CA GLY A 223 -20.84 -2.29 -13.25
C GLY A 223 -21.31 -3.71 -13.43
N LYS A 224 -20.55 -4.49 -14.18
CA LYS A 224 -20.95 -5.84 -14.57
C LYS A 224 -20.73 -6.85 -13.44
N LEU A 225 -20.00 -6.44 -12.42
CA LEU A 225 -19.67 -7.37 -11.34
C LEU A 225 -20.84 -7.58 -10.40
N GLU A 226 -21.22 -8.82 -10.22
CA GLU A 226 -22.37 -9.14 -9.38
C GLU A 226 -21.97 -9.71 -8.05
N SER A 227 -22.63 -9.21 -7.02
CA SER A 227 -22.64 -9.83 -5.71
C SER A 227 -24.06 -10.18 -5.42
N ARG A 228 -24.28 -11.47 -5.21
CA ARG A 228 -25.59 -12.02 -4.87
C ARG A 228 -25.67 -12.34 -3.40
N LYS A 229 -26.80 -11.99 -2.80
CA LYS A 229 -27.13 -12.43 -1.47
C LYS A 229 -28.55 -13.03 -1.49
N THR A 230 -28.75 -14.08 -0.69
CA THR A 230 -30.07 -14.69 -0.58
C THR A 230 -30.49 -14.86 0.87
N ILE A 231 -31.70 -14.40 1.18
CA ILE A 231 -32.28 -14.53 2.51
C ILE A 231 -33.56 -15.34 2.40
N VAL A 232 -33.68 -16.31 3.31
CA VAL A 232 -34.92 -17.08 3.44
C VAL A 232 -35.78 -16.56 4.57
N LEU A 233 -36.88 -15.94 4.17
CA LEU A 233 -37.84 -15.33 5.09
C LEU A 233 -38.94 -16.30 5.47
N HIS A 234 -38.94 -16.70 6.74
CA HIS A 234 -40.04 -17.45 7.34
C HIS A 234 -41.00 -16.47 7.99
N VAL A 235 -42.28 -16.80 7.89
CA VAL A 235 -43.35 -15.99 8.49
C VAL A 235 -44.32 -16.84 9.29
N VAL A 236 -44.59 -16.43 10.51
CA VAL A 236 -45.48 -17.18 11.40
C VAL A 236 -46.61 -16.33 11.98
N GLN A 237 -47.81 -16.91 11.97
CA GLN A 237 -48.92 -16.33 12.69
C GLN A 237 -49.37 -17.29 13.76
N ASP A 238 -49.43 -16.78 14.99
CA ASP A 238 -49.80 -17.62 16.11
C ASP A 238 -51.28 -17.88 16.08
N GLU A 239 -51.61 -19.14 15.88
CA GLU A 239 -52.96 -19.60 16.07
C GLU A 239 -53.16 -19.51 17.57
N PHE A 240 -54.35 -19.10 17.99
CA PHE A 240 -54.56 -18.81 19.40
C PHE A 240 -55.27 -19.93 20.12
N GLN A 241 -54.47 -20.78 20.76
CA GLN A 241 -54.98 -21.89 21.57
C GLN A 241 -54.36 -21.93 22.95
N ILE B 5 7.36 -18.08 7.69
CA ILE B 5 8.75 -17.60 7.69
C ILE B 5 9.00 -16.79 6.45
N THR B 6 9.58 -15.62 6.64
CA THR B 6 9.95 -14.76 5.51
C THR B 6 11.39 -14.28 5.68
N THR B 7 11.83 -13.44 4.75
CA THR B 7 13.19 -12.92 4.76
C THR B 7 13.16 -11.39 4.77
N PRO B 8 13.99 -10.77 5.64
CA PRO B 8 14.00 -9.32 5.78
C PRO B 8 14.55 -8.54 4.59
N GLU B 9 14.69 -7.24 4.80
CA GLU B 9 15.20 -6.33 3.76
C GLU B 9 16.72 -6.26 3.90
N GLN B 10 17.44 -6.80 2.94
CA GLN B 10 18.90 -6.81 3.03
C GLN B 10 19.45 -5.43 3.40
N ARG B 11 20.37 -5.44 4.36
CA ARG B 11 20.99 -4.22 4.88
C ARG B 11 22.35 -4.01 4.24
N ILE B 12 22.47 -2.89 3.54
CA ILE B 12 23.74 -2.52 2.88
C ILE B 12 24.34 -1.25 3.46
N GLU B 13 25.54 -1.39 4.01
CA GLU B 13 26.30 -0.27 4.60
C GLU B 13 27.49 0.10 3.73
N LYS B 14 27.50 1.36 3.32
CA LYS B 14 28.56 1.89 2.46
C LYS B 14 29.14 3.21 2.96
N ALA B 15 30.30 3.54 2.42
CA ALA B 15 30.95 4.84 2.67
C ALA B 15 30.49 5.85 1.65
N LYS B 16 30.83 7.09 1.93
CA LYS B 16 30.46 8.21 1.06
C LYS B 16 31.19 8.09 -0.25
N GLY B 17 30.65 8.79 -1.25
CA GLY B 17 31.31 9.06 -2.51
C GLY B 17 31.54 7.88 -3.43
N GLU B 18 31.06 6.71 -3.03
CA GLU B 18 31.29 5.48 -3.79
C GLU B 18 30.01 4.84 -4.32
N THR B 19 30.10 3.58 -4.72
CA THR B 19 29.02 2.95 -5.52
C THR B 19 28.42 1.73 -4.84
N ALA B 20 27.09 1.74 -4.73
CA ALA B 20 26.37 0.68 -4.03
C ALA B 20 25.90 -0.30 -5.08
N TYR B 21 26.14 -1.59 -4.80
CA TYR B 21 25.68 -2.72 -5.64
C TYR B 21 24.50 -3.50 -5.04
N LEU B 22 23.36 -3.38 -5.70
CA LEU B 22 22.13 -3.98 -5.20
C LEU B 22 21.73 -5.10 -6.16
N PRO B 23 21.89 -6.37 -5.73
CA PRO B 23 21.54 -7.55 -6.53
C PRO B 23 20.07 -7.89 -6.61
N CYS B 24 19.62 -8.09 -7.84
CA CYS B 24 18.24 -8.46 -8.11
C CYS B 24 18.15 -9.34 -9.34
N LYS B 25 18.52 -10.59 -9.14
CA LYS B 25 18.52 -11.60 -10.20
C LYS B 25 17.26 -12.47 -10.13
N PHE B 26 16.71 -12.71 -11.31
CA PHE B 26 15.45 -13.44 -11.42
C PHE B 26 15.44 -14.52 -12.49
N THR B 27 14.62 -15.53 -12.24
CA THR B 27 14.41 -16.65 -13.14
C THR B 27 12.95 -16.72 -13.53
N LEU B 28 12.68 -16.51 -14.81
CA LEU B 28 11.30 -16.55 -15.31
C LEU B 28 10.77 -17.97 -15.37
N SER B 29 9.47 -18.09 -15.16
CA SER B 29 8.78 -19.36 -15.30
C SER B 29 7.97 -19.38 -16.59
N PRO B 30 7.71 -20.58 -17.13
CA PRO B 30 7.06 -20.75 -18.42
C PRO B 30 5.76 -19.95 -18.57
N GLU B 31 5.02 -19.79 -17.48
CA GLU B 31 3.75 -19.06 -17.52
C GLU B 31 4.03 -17.63 -17.92
N ASP B 32 5.19 -17.15 -17.49
CA ASP B 32 5.47 -15.73 -17.42
C ASP B 32 5.72 -15.20 -18.81
N GLN B 33 4.64 -14.76 -19.44
CA GLN B 33 4.63 -14.44 -20.85
C GLN B 33 4.38 -12.97 -21.16
N GLY B 34 3.90 -12.23 -20.16
CA GLY B 34 3.58 -10.81 -20.35
C GLY B 34 4.78 -9.93 -20.64
N PRO B 35 4.54 -8.63 -20.81
CA PRO B 35 5.70 -7.78 -21.05
C PRO B 35 6.59 -7.75 -19.82
N LEU B 36 7.89 -7.91 -20.04
CA LEU B 36 8.87 -7.75 -18.96
C LEU B 36 8.92 -6.30 -18.58
N ASP B 37 9.00 -6.07 -17.27
CA ASP B 37 8.99 -4.72 -16.76
C ASP B 37 9.64 -4.60 -15.40
N ILE B 38 10.67 -3.78 -15.32
CA ILE B 38 11.40 -3.56 -14.08
C ILE B 38 11.30 -2.11 -13.63
N GLU B 39 11.21 -1.94 -12.33
CA GLU B 39 11.03 -0.62 -11.75
C GLU B 39 11.67 -0.53 -10.37
N TRP B 40 12.73 0.27 -10.29
CA TRP B 40 13.41 0.53 -9.00
C TRP B 40 12.82 1.75 -8.34
N LEU B 41 12.50 1.61 -7.06
CA LEU B 41 11.97 2.70 -6.25
C LEU B 41 12.85 3.04 -5.06
N ILE B 42 13.06 4.34 -4.89
CA ILE B 42 13.73 4.86 -3.68
C ILE B 42 12.71 5.40 -2.72
N SER B 43 12.93 5.12 -1.45
CA SER B 43 12.06 5.56 -0.37
C SER B 43 12.85 6.42 0.62
N PRO B 44 12.98 7.72 0.31
CA PRO B 44 13.79 8.62 1.13
C PRO B 44 13.37 8.60 2.58
N SER B 45 14.38 8.47 3.46
CA SER B 45 14.19 8.40 4.90
C SER B 45 13.09 7.41 5.27
N ASP B 46 12.77 6.56 4.30
CA ASP B 46 11.84 5.45 4.48
C ASP B 46 10.38 5.82 4.72
N ASN B 47 10.02 7.09 4.54
CA ASN B 47 8.62 7.51 4.75
C ASN B 47 7.68 6.60 3.96
N GLN B 48 6.70 6.08 4.66
CA GLN B 48 5.92 4.94 4.16
C GLN B 48 4.69 5.39 3.40
N ILE B 49 4.64 6.67 3.07
CA ILE B 49 3.53 7.20 2.30
C ILE B 49 3.89 7.29 0.83
N VAL B 50 5.17 7.47 0.54
CA VAL B 50 5.61 7.69 -0.83
C VAL B 50 6.96 7.11 -1.15
N ASP B 51 7.03 6.52 -2.34
CA ASP B 51 8.29 6.11 -2.95
C ASP B 51 8.46 6.85 -4.27
N GLN B 52 9.69 6.86 -4.77
CA GLN B 52 9.96 7.46 -6.08
C GLN B 52 10.70 6.51 -6.99
N VAL B 53 10.35 6.59 -8.27
CA VAL B 53 11.01 5.80 -9.29
C VAL B 53 12.34 6.46 -9.61
N ILE B 54 13.39 5.64 -9.60
CA ILE B 54 14.70 6.10 -9.99
C ILE B 54 15.01 5.58 -11.39
N ILE B 55 14.96 4.26 -11.56
CA ILE B 55 15.16 3.65 -12.87
C ILE B 55 14.07 2.64 -13.22
N LEU B 56 13.75 2.61 -14.51
CA LEU B 56 12.67 1.80 -15.06
C LEU B 56 13.09 1.13 -16.37
N TYR B 57 12.60 -0.09 -16.57
CA TYR B 57 12.86 -0.87 -17.78
C TYR B 57 11.55 -1.26 -18.43
N SER B 58 11.34 -0.82 -19.66
CA SER B 58 10.07 -1.01 -20.37
C SER B 58 10.12 -0.75 -21.88
N GLY B 59 9.42 -1.62 -22.61
CA GLY B 59 9.42 -1.59 -24.07
C GLY B 59 10.82 -1.91 -24.51
N ASP B 60 11.50 -2.64 -23.64
CA ASP B 60 12.91 -2.95 -23.79
C ASP B 60 13.70 -1.68 -24.08
N LYS B 61 13.39 -0.66 -23.29
CA LYS B 61 14.16 0.59 -23.27
C LYS B 61 14.29 1.07 -21.83
N ILE B 62 15.51 1.46 -21.48
CA ILE B 62 15.82 1.94 -20.14
C ILE B 62 15.43 3.40 -19.96
N TYR B 63 15.13 3.75 -18.72
CA TYR B 63 14.84 5.14 -18.37
C TYR B 63 15.52 5.55 -17.08
N ASP B 64 16.35 6.57 -17.20
CA ASP B 64 17.07 7.18 -16.08
C ASP B 64 16.50 8.58 -15.88
N ASN B 65 15.32 8.75 -16.46
CA ASN B 65 14.73 10.06 -16.77
C ASN B 65 14.28 10.87 -15.55
N TYR B 66 14.22 10.22 -14.39
CA TYR B 66 13.64 10.86 -13.18
C TYR B 66 14.52 10.81 -11.93
N TYR B 67 14.00 11.43 -10.88
CA TYR B 67 14.73 11.68 -9.64
C TYR B 67 15.99 12.47 -9.97
N PRO B 68 15.83 13.77 -10.28
CA PRO B 68 16.90 14.66 -10.71
C PRO B 68 18.13 14.60 -9.81
N ASP B 69 17.93 14.19 -8.57
CA ASP B 69 19.05 14.06 -7.63
C ASP B 69 19.99 12.97 -8.12
N LEU B 70 19.42 11.93 -8.72
CA LEU B 70 20.19 10.75 -9.13
C LEU B 70 20.53 10.79 -10.61
N LYS B 71 20.31 11.95 -11.22
CA LYS B 71 20.60 12.12 -12.65
C LYS B 71 22.04 11.76 -12.94
N GLY B 72 22.22 10.63 -13.62
CA GLY B 72 23.53 10.23 -14.11
C GLY B 72 24.29 9.38 -13.12
N ARG B 73 23.64 9.04 -12.01
CA ARG B 73 24.32 8.33 -10.93
C ARG B 73 23.84 6.89 -10.66
N VAL B 74 22.81 6.44 -11.39
CA VAL B 74 22.32 5.06 -11.20
C VAL B 74 22.18 4.27 -12.52
N HIS B 75 22.67 3.03 -12.50
CA HIS B 75 22.69 2.17 -13.71
C HIS B 75 22.51 0.67 -13.43
N PHE B 76 21.79 -0.02 -14.32
CA PHE B 76 21.74 -1.50 -14.30
C PHE B 76 23.13 -2.04 -14.55
N THR B 77 23.62 -2.86 -13.65
CA THR B 77 24.95 -3.45 -13.79
C THR B 77 25.00 -4.25 -15.06
N SER B 78 24.12 -5.24 -15.13
CA SER B 78 24.03 -6.15 -16.27
C SER B 78 23.95 -5.46 -17.61
N ASN B 79 24.37 -6.24 -18.61
CA ASN B 79 24.21 -5.90 -20.00
C ASN B 79 22.80 -6.33 -20.42
N ASP B 80 22.58 -7.64 -20.32
CA ASP B 80 21.31 -8.24 -20.75
C ASP B 80 20.39 -8.48 -19.59
N VAL B 81 19.62 -7.44 -19.27
CA VAL B 81 18.79 -7.45 -18.06
C VAL B 81 17.70 -8.53 -18.15
N LYS B 82 17.20 -8.75 -19.35
CA LYS B 82 16.13 -9.73 -19.58
C LYS B 82 16.61 -11.14 -19.25
N SER B 83 17.89 -11.36 -19.44
CA SER B 83 18.45 -12.70 -19.26
C SER B 83 18.18 -13.19 -17.85
N GLY B 84 17.60 -12.33 -17.02
CA GLY B 84 17.30 -12.67 -15.63
C GLY B 84 18.13 -11.88 -14.63
N ASP B 85 18.53 -10.68 -15.01
CA ASP B 85 19.31 -9.83 -14.11
C ASP B 85 18.91 -8.36 -14.10
N ALA B 86 18.42 -7.94 -12.95
CA ALA B 86 17.88 -6.61 -12.77
C ALA B 86 18.73 -5.78 -11.81
N SER B 87 19.86 -6.32 -11.40
CA SER B 87 20.73 -5.63 -10.44
C SER B 87 21.13 -4.26 -10.93
N ILE B 88 21.37 -3.38 -9.97
CA ILE B 88 21.82 -2.03 -10.27
C ILE B 88 23.02 -1.58 -9.45
N ASN B 89 23.70 -0.58 -9.99
CA ASN B 89 24.72 0.19 -9.28
C ASN B 89 24.27 1.63 -9.03
N VAL B 90 24.55 2.11 -7.82
CA VAL B 90 24.31 3.51 -7.42
C VAL B 90 25.66 4.16 -7.20
N THR B 91 25.95 5.18 -8.00
CA THR B 91 27.27 5.79 -8.05
C THR B 91 27.36 7.10 -7.32
N ASN B 92 28.57 7.36 -6.82
CA ASN B 92 28.90 8.57 -6.07
C ASN B 92 27.94 8.77 -4.92
N LEU B 93 28.03 7.88 -3.95
CA LEU B 93 27.08 7.85 -2.83
C LEU B 93 27.20 9.07 -1.92
N GLN B 94 26.04 9.65 -1.61
CA GLN B 94 25.92 10.77 -0.69
C GLN B 94 24.87 10.48 0.38
N LEU B 95 24.76 11.39 1.34
CA LEU B 95 23.90 11.17 2.51
C LEU B 95 22.44 11.27 2.15
N SER B 96 22.14 11.91 1.03
CA SER B 96 20.76 12.08 0.57
C SER B 96 20.24 10.80 -0.07
N ASP B 97 21.15 9.87 -0.32
CA ASP B 97 20.82 8.64 -1.01
C ASP B 97 20.37 7.60 -0.01
N ILE B 98 20.36 8.01 1.26
CA ILE B 98 19.90 7.13 2.32
C ILE B 98 18.42 6.89 2.14
N GLY B 99 18.02 5.66 2.35
CA GLY B 99 16.64 5.29 2.17
C GLY B 99 16.46 3.80 2.01
N THR B 100 15.31 3.46 1.45
CA THR B 100 14.94 2.09 1.21
C THR B 100 14.73 1.88 -0.27
N TYR B 101 15.40 0.84 -0.75
CA TYR B 101 15.50 0.57 -2.17
C TYR B 101 14.80 -0.74 -2.48
N GLN B 102 13.95 -0.68 -3.49
CA GLN B 102 13.06 -1.77 -3.80
C GLN B 102 13.15 -2.17 -5.26
N CYS B 103 13.20 -3.47 -5.49
CA CYS B 103 13.29 -4.04 -6.83
C CYS B 103 12.02 -4.79 -7.25
N LYS B 104 11.30 -4.22 -8.23
CA LYS B 104 10.02 -4.73 -8.70
C LYS B 104 10.06 -5.27 -10.12
N VAL B 105 9.98 -6.59 -10.24
CA VAL B 105 9.94 -7.30 -11.51
C VAL B 105 8.54 -7.83 -11.83
N LYS B 106 8.05 -7.50 -13.02
CA LYS B 106 6.73 -7.95 -13.46
C LYS B 106 6.72 -8.49 -14.89
N LYS B 107 6.31 -9.73 -15.00
CA LYS B 107 6.10 -10.34 -16.30
C LYS B 107 4.90 -11.27 -16.24
N ALA B 108 3.75 -10.70 -16.58
CA ALA B 108 2.47 -11.34 -16.34
C ALA B 108 2.53 -12.84 -16.62
N PRO B 109 2.05 -13.65 -15.66
CA PRO B 109 1.40 -13.22 -14.42
C PRO B 109 2.36 -13.14 -13.26
N GLY B 110 3.62 -13.46 -13.52
CA GLY B 110 4.62 -13.55 -12.45
C GLY B 110 5.03 -12.19 -11.92
N VAL B 111 5.39 -12.17 -10.64
CA VAL B 111 5.83 -10.95 -9.99
C VAL B 111 6.73 -11.19 -8.81
N ALA B 112 7.77 -10.39 -8.70
CA ALA B 112 8.70 -10.48 -7.56
C ALA B 112 9.16 -9.13 -7.02
N ASN B 113 9.64 -9.21 -5.79
CA ASN B 113 9.97 -8.03 -4.98
C ASN B 113 11.11 -8.29 -4.01
N LYS B 114 12.01 -7.30 -3.95
CA LYS B 114 13.17 -7.34 -3.04
C LYS B 114 13.37 -5.99 -2.39
N LYS B 115 13.57 -6.02 -1.08
CA LYS B 115 13.80 -4.80 -0.32
C LYS B 115 15.24 -4.68 0.11
N PHE B 116 15.77 -3.49 -0.11
CA PHE B 116 17.14 -3.16 0.26
C PHE B 116 17.19 -1.92 1.14
N LEU B 117 17.78 -2.06 2.31
CA LEU B 117 17.93 -0.96 3.26
C LEU B 117 19.33 -0.39 3.17
N LEU B 118 19.41 0.80 2.58
CA LEU B 118 20.70 1.43 2.30
C LEU B 118 21.11 2.40 3.39
N THR B 119 22.40 2.31 3.74
CA THR B 119 23.01 3.12 4.78
C THR B 119 24.31 3.73 4.29
N VAL B 120 24.42 5.05 4.46
CA VAL B 120 25.59 5.80 4.01
C VAL B 120 26.31 6.52 5.14
N LEU B 121 27.44 5.95 5.54
CA LEU B 121 28.31 6.55 6.56
C LEU B 121 29.35 7.47 5.94
N VAL B 122 29.88 8.34 6.78
CA VAL B 122 30.83 9.36 6.34
C VAL B 122 32.15 9.30 7.10
N LYS B 123 33.22 9.10 6.34
CA LYS B 123 34.58 9.11 6.90
C LYS B 123 34.89 10.51 7.44
N PRO B 124 35.31 10.59 8.71
CA PRO B 124 35.46 11.87 9.38
C PRO B 124 36.54 12.70 8.73
N SER B 125 36.13 13.89 8.32
CA SER B 125 37.04 14.85 7.71
C SER B 125 36.45 16.25 7.75
N GLY B 126 37.32 17.23 7.94
CA GLY B 126 36.93 18.63 7.97
C GLY B 126 36.74 19.09 9.40
N THR B 127 37.72 18.77 10.24
CA THR B 127 37.66 19.15 11.65
C THR B 127 38.43 20.43 11.90
N ARG B 128 37.78 21.35 12.59
CA ARG B 128 38.41 22.60 12.99
C ARG B 128 39.00 22.45 14.38
N CYS B 129 40.24 22.93 14.51
CA CYS B 129 40.91 23.07 15.81
C CYS B 129 41.00 24.53 16.17
N PHE B 130 40.32 24.91 17.25
CA PHE B 130 40.35 26.30 17.67
C PHE B 130 40.28 26.50 19.18
N VAL B 131 40.91 27.59 19.60
CA VAL B 131 40.81 28.11 20.96
C VAL B 131 39.74 29.18 20.99
N ASP B 132 39.18 29.40 22.18
CA ASP B 132 38.15 30.43 22.36
C ASP B 132 38.71 31.77 22.87
N GLY B 138 45.65 33.35 33.44
CA GLY B 138 44.90 32.49 34.35
C GLY B 138 43.43 32.51 34.01
N ASN B 139 43.13 32.40 32.72
CA ASN B 139 41.77 32.52 32.20
C ASN B 139 40.97 31.20 32.28
N ASP B 140 39.88 31.17 31.54
CA ASP B 140 38.89 30.09 31.58
C ASP B 140 38.78 29.41 30.21
N PHE B 141 39.95 29.05 29.66
CA PHE B 141 40.07 28.57 28.26
C PHE B 141 39.31 27.29 27.94
N LYS B 142 39.10 27.11 26.64
CA LYS B 142 38.58 25.86 26.08
C LYS B 142 39.21 25.58 24.72
N LEU B 143 39.92 24.45 24.64
CA LEU B 143 40.47 23.95 23.38
C LEU B 143 39.50 22.94 22.76
N LYS B 144 39.39 23.03 21.44
CA LYS B 144 38.27 22.42 20.73
C LYS B 144 38.71 21.78 19.42
N CYS B 145 38.20 20.57 19.20
CA CYS B 145 38.43 19.80 17.97
C CYS B 145 37.09 19.38 17.40
N GLU B 146 36.50 20.28 16.62
CA GLU B 146 35.12 20.13 16.14
C GLU B 146 35.08 19.61 14.70
N PRO B 147 34.60 18.39 14.50
CA PRO B 147 34.57 17.81 13.17
C PRO B 147 33.28 18.02 12.42
N LYS B 148 33.42 18.10 11.10
CA LYS B 148 32.29 17.98 10.17
C LYS B 148 32.76 17.94 8.71
N GLU B 149 32.33 16.93 7.95
CA GLU B 149 31.38 15.92 8.43
C GLU B 149 32.08 14.74 9.07
N GLY B 150 31.28 13.97 9.78
CA GLY B 150 31.72 12.70 10.39
C GLY B 150 30.54 11.84 10.81
N SER B 151 30.82 10.83 11.63
CA SER B 151 29.77 10.02 12.24
C SER B 151 30.25 9.18 13.42
N LEU B 152 29.33 9.01 14.36
CA LEU B 152 29.62 8.44 15.68
C LEU B 152 29.56 6.92 15.66
N PRO B 153 30.19 6.27 16.64
CA PRO B 153 30.97 6.87 17.73
C PRO B 153 32.37 7.29 17.31
N LEU B 154 32.63 8.59 17.47
CA LEU B 154 33.94 9.18 17.16
C LEU B 154 34.90 9.04 18.31
N GLN B 155 36.18 8.90 17.96
CA GLN B 155 37.26 8.91 18.94
C GLN B 155 38.26 10.03 18.65
N PHE B 156 38.76 10.64 19.73
CA PHE B 156 39.76 11.72 19.65
C PHE B 156 40.98 11.39 20.49
N GLU B 157 42.14 11.76 19.96
CA GLU B 157 43.40 11.65 20.71
C GLU B 157 44.32 12.84 20.45
N TRP B 158 44.52 13.65 21.49
CA TRP B 158 45.35 14.86 21.39
C TRP B 158 46.76 14.54 21.87
N GLN B 159 47.75 15.22 21.27
CA GLN B 159 49.17 15.02 21.63
C GLN B 159 50.04 16.29 21.54
N LYS B 160 51.36 16.09 21.61
CA LYS B 160 52.35 17.15 21.45
C LYS B 160 53.63 16.63 20.81
N MET B 167 53.06 17.24 26.59
CA MET B 167 52.90 16.19 27.58
C MET B 167 52.13 16.71 28.81
N PRO B 168 51.07 17.51 28.59
CA PRO B 168 50.43 18.28 29.67
C PRO B 168 49.71 17.42 30.70
N THR B 169 50.13 17.58 31.95
CA THR B 169 49.67 16.75 33.06
C THR B 169 48.20 16.94 33.44
N PRO B 170 47.73 18.20 33.58
CA PRO B 170 46.33 18.38 34.00
C PRO B 170 45.38 18.31 32.82
N TRP B 171 45.93 18.01 31.65
CA TRP B 171 45.14 17.79 30.44
C TRP B 171 45.08 16.31 30.06
N LEU B 172 45.95 15.51 30.66
CA LEU B 172 46.10 14.10 30.30
C LEU B 172 44.77 13.37 30.31
N ALA B 173 43.89 13.80 31.21
CA ALA B 173 42.57 13.19 31.35
C ALA B 173 41.67 13.52 30.16
N GLU B 174 41.93 14.68 29.56
CA GLU B 174 41.12 15.20 28.46
C GLU B 174 41.63 14.70 27.13
N MET B 175 42.79 14.06 27.18
CA MET B 175 43.44 13.54 25.97
C MET B 175 42.47 12.97 24.96
N THR B 176 41.35 12.46 25.44
CA THR B 176 40.43 11.68 24.64
C THR B 176 39.14 12.40 24.29
N SER B 177 38.74 13.28 25.20
CA SER B 177 37.55 14.11 24.98
C SER B 177 37.87 15.20 23.95
N PRO B 178 36.85 15.62 23.18
CA PRO B 178 37.07 16.56 22.08
C PRO B 178 37.21 17.99 22.56
N VAL B 179 37.06 18.18 23.86
CA VAL B 179 37.21 19.51 24.45
C VAL B 179 38.17 19.51 25.64
N ILE B 180 39.15 20.39 25.55
CA ILE B 180 40.08 20.63 26.63
C ILE B 180 39.70 21.92 27.36
N SER B 181 38.73 21.81 28.26
CA SER B 181 38.32 22.95 29.07
C SER B 181 39.42 23.32 30.04
N VAL B 182 40.28 24.24 29.58
CA VAL B 182 41.47 24.70 30.30
C VAL B 182 41.12 25.83 31.28
N LYS B 183 41.74 25.79 32.46
CA LYS B 183 41.49 26.79 33.50
C LYS B 183 42.74 27.17 34.29
N ASN B 184 42.90 28.48 34.50
CA ASN B 184 44.00 29.01 35.31
C ASN B 184 45.37 28.72 34.67
N TYR B 193 52.16 18.36 17.82
CA TYR B 193 50.88 18.79 18.35
C TYR B 193 49.71 18.41 17.42
N SER B 194 48.77 17.63 17.95
CA SER B 194 47.72 17.01 17.15
C SER B 194 46.31 17.03 17.73
N CYS B 195 45.41 16.51 16.90
CA CYS B 195 44.10 16.00 17.31
C CYS B 195 43.61 15.00 16.29
N THR B 196 43.89 13.73 16.54
CA THR B 196 43.51 12.65 15.62
C THR B 196 42.07 12.18 15.85
N VAL B 197 41.32 12.14 14.75
CA VAL B 197 39.89 11.83 14.80
C VAL B 197 39.54 10.60 14.02
N GLN B 198 38.91 9.66 14.71
CA GLN B 198 38.68 8.33 14.17
C GLN B 198 37.31 7.74 14.48
N ASN B 199 36.72 7.15 13.45
CA ASN B 199 35.57 6.25 13.59
C ASN B 199 35.92 4.91 12.95
N ARG B 200 34.91 4.14 12.58
CA ARG B 200 35.15 2.80 12.03
C ARG B 200 35.02 2.81 10.52
N VAL B 201 35.29 3.96 9.91
CA VAL B 201 35.29 4.08 8.45
C VAL B 201 36.34 5.05 7.90
N GLY B 202 37.10 5.66 8.80
CA GLY B 202 38.06 6.69 8.41
C GLY B 202 38.73 7.44 9.54
N SER B 203 39.78 8.17 9.19
CA SER B 203 40.57 8.96 10.14
C SER B 203 40.85 10.39 9.66
N ASP B 204 41.55 11.14 10.48
CA ASP B 204 41.75 12.59 10.27
C ASP B 204 42.75 13.20 11.26
N GLN B 205 43.46 14.23 10.80
CA GLN B 205 44.50 14.92 11.59
C GLN B 205 44.41 16.45 11.52
N CYS B 206 44.55 17.07 12.68
CA CYS B 206 44.35 18.52 12.83
C CYS B 206 45.30 19.15 13.84
N MET B 207 45.64 20.41 13.62
CA MET B 207 46.64 21.10 14.47
C MET B 207 46.18 22.47 14.94
N LEU B 208 46.56 22.79 16.17
CA LEU B 208 46.13 24.03 16.83
C LEU B 208 47.27 24.71 17.58
N ARG B 209 47.14 26.02 17.76
CA ARG B 209 48.07 26.80 18.59
C ARG B 209 47.36 27.69 19.62
N LEU B 210 48.02 27.80 20.76
CA LEU B 210 47.53 28.53 21.95
C LEU B 210 48.61 29.47 22.48
N ASP B 211 48.18 30.56 23.11
CA ASP B 211 49.15 31.45 23.75
C ASP B 211 48.64 32.20 24.98
N VAL B 212 49.49 32.17 26.01
CA VAL B 212 49.21 32.77 27.30
C VAL B 212 50.15 33.94 27.60
C1 NAG C . -10.25 -19.96 -9.74
C2 NAG C . -9.67 -21.06 -8.87
C3 NAG C . -9.32 -22.29 -9.71
C4 NAG C . -10.45 -22.67 -10.67
C5 NAG C . -11.06 -21.46 -11.38
C6 NAG C . -12.33 -21.82 -12.14
C7 NAG C . -8.65 -19.98 -6.95
C8 NAG C . -7.40 -19.48 -6.28
N2 NAG C . -8.51 -20.56 -8.15
O3 NAG C . -9.06 -23.36 -8.82
O4 NAG C . -9.99 -23.56 -11.67
O5 NAG C . -11.38 -20.48 -10.41
O6 NAG C . -12.86 -20.64 -12.74
O7 NAG C . -9.74 -19.85 -6.41
C1 NAG C . -10.91 -24.67 -11.67
C2 NAG C . -10.81 -25.46 -12.98
C3 NAG C . -11.75 -26.66 -12.89
C4 NAG C . -11.54 -27.44 -11.59
C5 NAG C . -11.58 -26.52 -10.37
C6 NAG C . -11.28 -27.25 -9.06
C7 NAG C . -11.89 -24.47 -15.09
C8 NAG C . -13.01 -25.47 -15.31
N2 NAG C . -10.99 -24.52 -14.09
O3 NAG C . -11.61 -27.49 -14.03
O4 NAG C . -12.63 -28.32 -11.44
O5 NAG C . -10.65 -25.47 -10.55
O6 NAG C . -10.23 -28.20 -9.19
O7 NAG C . -11.80 -23.54 -15.88
C1 BMA C . -12.35 -29.61 -12.01
C2 BMA C . -12.92 -30.63 -11.04
C3 BMA C . -13.06 -32.05 -11.62
C4 BMA C . -13.39 -32.06 -13.11
C5 BMA C . -12.66 -30.96 -13.88
C6 BMA C . -13.12 -30.92 -15.34
O2 BMA C . -14.15 -30.16 -10.54
O3 BMA C . -14.03 -32.78 -10.85
O4 BMA C . -13.03 -33.29 -13.70
O5 BMA C . -12.92 -29.71 -13.29
O6 BMA C . -12.74 -29.69 -15.92
C1 MAN C . -13.43 -33.34 -9.65
C2 MAN C . -14.22 -34.56 -9.19
C3 MAN C . -15.52 -34.19 -8.51
C4 MAN C . -15.21 -33.25 -7.35
C5 MAN C . -14.43 -32.04 -7.84
C6 MAN C . -14.01 -31.17 -6.66
O2 MAN C . -13.42 -35.28 -8.29
O3 MAN C . -16.16 -35.36 -8.03
O4 MAN C . -16.41 -32.85 -6.74
O5 MAN C . -13.26 -32.43 -8.57
O6 MAN C . -13.16 -30.12 -7.09
C1 FUC C . -13.07 -20.68 -14.17
C2 FUC C . -14.54 -20.34 -14.30
C3 FUC C . -14.75 -18.89 -13.90
C4 FUC C . -13.90 -18.00 -14.80
C5 FUC C . -12.43 -18.41 -14.68
C6 FUC C . -11.57 -17.63 -15.68
O2 FUC C . -15.17 -21.20 -13.38
O3 FUC C . -16.11 -18.53 -13.99
O4 FUC C . -14.32 -18.14 -16.14
O5 FUC C . -12.26 -19.80 -14.93
C1 NAG D . 29.01 -2.09 -10.06
C2 NAG D . 30.12 -2.42 -11.05
C3 NAG D . 31.04 -3.52 -10.52
C4 NAG D . 31.41 -3.28 -9.06
C5 NAG D . 30.14 -3.04 -8.25
C6 NAG D . 30.41 -2.83 -6.76
C7 NAG D . 28.94 -2.04 -13.16
C8 NAG D . 28.34 -2.64 -14.40
N2 NAG D . 29.52 -2.87 -12.30
O3 NAG D . 32.23 -3.58 -11.27
O4 NAG D . 32.09 -4.40 -8.56
O5 NAG D . 29.49 -1.90 -8.75
O6 NAG D . 31.59 -2.10 -6.57
O7 NAG D . 28.87 -0.83 -12.97
C1 NAG D . 33.51 -4.18 -8.54
C2 NAG D . 34.03 -4.92 -7.33
C3 NAG D . 35.55 -5.03 -7.30
C4 NAG D . 36.11 -5.36 -8.68
C5 NAG D . 35.51 -4.41 -9.70
C6 NAG D . 36.10 -4.60 -11.10
C7 NAG D . 33.92 -3.38 -5.31
C8 NAG D . 35.29 -2.78 -5.42
N2 NAG D . 33.42 -4.30 -6.15
O3 NAG D . 35.96 -6.00 -6.35
O4 NAG D . 37.51 -5.20 -8.65
O5 NAG D . 34.12 -4.62 -9.73
O6 NAG D . 36.01 -5.96 -11.48
O7 NAG D . 33.19 -3.01 -4.39
C1 NAG E . 5.66 12.87 -20.36
C2 NAG E . 6.94 13.51 -19.83
C3 NAG E . 7.64 14.13 -21.01
C4 NAG E . 7.91 13.09 -22.07
C5 NAG E . 6.58 12.38 -22.41
C6 NAG E . 6.78 11.33 -23.49
C7 NAG E . 6.61 14.59 -17.61
C8 NAG E . 6.40 15.93 -16.98
N2 NAG E . 6.72 14.64 -18.94
O3 NAG E . 8.83 14.70 -20.53
O4 NAG E . 8.46 13.71 -23.22
O5 NAG E . 6.02 11.82 -21.24
O6 NAG E . 7.34 11.93 -24.65
O7 NAG E . 6.67 13.57 -16.92
#